data_8A5S
#
_entry.id   8A5S
#
_cell.length_a   43.426
_cell.length_b   51.852
_cell.length_c   80.381
_cell.angle_alpha   90.000
_cell.angle_beta   90.000
_cell.angle_gamma   90.000
#
_symmetry.space_group_name_H-M   'P 21 21 21'
#
loop_
_entity.id
_entity.type
_entity.pdbx_description
1 polymer 'Light-activated DNA-binding protein EL222'
2 non-polymer 'FLAVIN MONONUCLEOTIDE'
3 non-polymer 'CHLORIDE ION'
4 non-polymer 'MAGNESIUM ION'
5 non-polymer '2-(N-MORPHOLINO)-ETHANESULFONIC ACID'
6 water water
#
_entity_poly.entity_id   1
_entity_poly.type   'polypeptide(L)'
_entity_poly.pdbx_seq_one_letter_code
;GADDTRVEVQPPAQWVLDLIEASPIASVVSDPRLADNPLIAINQAFTDLTGYSEEECVGRNCRFLAGSGTEPWLTDKIRQ
GVRE(OHI)KPVLVEILNYKKDGTPFRNAVLVAPIYDDDDELLYFLGSQVEVDDDQPNMGMARRERAAEMLKTLSPRQLE
VTTLVASGLRNKEVAARLGLSEKTVKMHRGLVMEKLNLKTSADLVRIAVEAGIA
;
_entity_poly.pdbx_strand_id   AAA
#
loop_
_chem_comp.id
_chem_comp.type
_chem_comp.name
_chem_comp.formula
CL non-polymer 'CHLORIDE ION' 'Cl -1'
FMN non-polymer 'FLAVIN MONONUCLEOTIDE' 'C17 H21 N4 O9 P'
MES non-polymer '2-(N-MORPHOLINO)-ETHANESULFONIC ACID' 'C6 H13 N O4 S'
MG non-polymer 'MAGNESIUM ION' 'Mg 2'
#
# COMPACT_ATOMS: atom_id res chain seq x y z
N THR A 5 -22.14 -7.23 6.23
CA THR A 5 -21.64 -7.81 7.51
C THR A 5 -20.32 -7.12 7.93
N ARG A 6 -19.83 -7.43 9.13
CA ARG A 6 -18.67 -6.76 9.77
C ARG A 6 -18.31 -7.54 11.03
N VAL A 7 -17.02 -7.81 11.26
CA VAL A 7 -16.53 -8.53 12.48
C VAL A 7 -15.92 -7.49 13.41
N GLU A 8 -15.93 -7.75 14.71
CA GLU A 8 -15.29 -6.87 15.71
C GLU A 8 -13.80 -7.16 15.66
N VAL A 9 -12.98 -6.11 15.61
CA VAL A 9 -11.52 -6.21 15.38
C VAL A 9 -10.81 -5.72 16.63
N GLN A 10 -9.74 -6.40 17.02
CA GLN A 10 -8.89 -6.04 18.17
C GLN A 10 -8.25 -4.70 17.83
N PRO A 11 -8.13 -3.74 18.77
CA PRO A 11 -7.45 -2.49 18.51
C PRO A 11 -6.10 -2.75 17.86
N PRO A 12 -5.64 -1.92 16.90
CA PRO A 12 -4.40 -2.18 16.18
C PRO A 12 -3.17 -2.00 17.07
N ALA A 13 -2.14 -2.82 16.86
CA ALA A 13 -0.87 -2.72 17.61
C ALA A 13 -0.11 -1.51 17.08
N GLN A 14 0.95 -1.07 17.77
CA GLN A 14 1.74 0.13 17.36
C GLN A 14 2.31 -0.02 15.93
N TRP A 15 2.81 -1.21 15.57
CA TRP A 15 3.48 -1.40 14.26
C TRP A 15 2.46 -1.17 13.13
N VAL A 16 1.19 -1.50 13.37
CA VAL A 16 0.10 -1.27 12.37
C VAL A 16 -0.06 0.22 12.15
N LEU A 17 -0.17 0.98 13.26
CA LEU A 17 -0.31 2.45 13.20
C LEU A 17 0.94 3.04 12.52
N ASP A 18 2.13 2.51 12.81
CA ASP A 18 3.38 3.06 12.24
C ASP A 18 3.40 2.92 10.72
N LEU A 19 2.75 1.89 10.21
CA LEU A 19 2.69 1.57 8.75
CA LEU A 19 2.72 1.60 8.75
C LEU A 19 1.90 2.65 8.02
N ILE A 20 0.90 3.27 8.67
CA ILE A 20 -0.04 4.11 7.88
C ILE A 20 -0.25 5.51 8.44
N GLU A 21 -0.10 5.76 9.74
CA GLU A 21 -0.66 7.01 10.33
C GLU A 21 0.01 8.25 9.73
N ALA A 22 1.31 8.23 9.47
CA ALA A 22 2.02 9.43 8.95
C ALA A 22 2.05 9.47 7.39
N SER A 23 1.44 8.53 6.67
CA SER A 23 1.34 8.62 5.18
C SER A 23 0.40 9.74 4.80
N PRO A 24 0.77 10.59 3.81
CA PRO A 24 -0.13 11.61 3.28
C PRO A 24 -1.16 10.99 2.33
N ILE A 25 -1.00 9.71 2.01
CA ILE A 25 -1.87 8.89 1.10
CA ILE A 25 -2.04 9.08 1.14
C ILE A 25 -2.84 8.08 1.96
N ALA A 26 -4.09 7.96 1.55
CA ALA A 26 -5.09 7.05 2.13
C ALA A 26 -4.44 5.69 2.25
N SER A 27 -4.28 5.18 3.48
CA SER A 27 -3.56 3.90 3.70
C SER A 27 -4.31 3.08 4.73
N VAL A 28 -4.35 1.77 4.51
CA VAL A 28 -5.10 0.81 5.36
C VAL A 28 -4.23 -0.43 5.58
N VAL A 29 -4.64 -1.24 6.55
CA VAL A 29 -4.02 -2.56 6.82
C VAL A 29 -5.16 -3.55 7.00
N SER A 30 -5.03 -4.76 6.43
CA SER A 30 -5.99 -5.86 6.66
C SER A 30 -5.30 -7.03 7.34
N ASP A 31 -6.10 -7.91 7.94
CA ASP A 31 -5.59 -9.11 8.62
C ASP A 31 -6.22 -10.32 7.93
N PRO A 32 -5.47 -11.09 7.14
CA PRO A 32 -6.05 -12.20 6.38
C PRO A 32 -6.44 -13.40 7.26
N ARG A 33 -6.16 -13.40 8.56
CA ARG A 33 -6.61 -14.51 9.44
C ARG A 33 -8.01 -14.23 9.98
N LEU A 34 -8.55 -13.02 9.75
CA LEU A 34 -9.92 -12.65 10.20
C LEU A 34 -10.89 -12.87 9.05
N ALA A 35 -12.19 -12.89 9.35
CA ALA A 35 -13.25 -13.16 8.34
C ALA A 35 -13.10 -12.19 7.15
N ASP A 36 -12.95 -12.73 5.93
CA ASP A 36 -12.99 -11.93 4.68
C ASP A 36 -11.87 -10.89 4.66
N ASN A 37 -10.72 -11.22 5.21
CA ASN A 37 -9.49 -10.39 5.16
C ASN A 37 -9.86 -8.94 5.37
N PRO A 38 -10.46 -8.55 6.52
CA PRO A 38 -11.02 -7.22 6.67
C PRO A 38 -10.00 -6.16 7.06
N LEU A 39 -10.37 -4.90 6.86
CA LEU A 39 -9.54 -3.78 7.34
C LEU A 39 -9.50 -3.81 8.87
N ILE A 40 -8.30 -3.62 9.44
CA ILE A 40 -8.10 -3.55 10.92
C ILE A 40 -7.64 -2.14 11.31
N ALA A 41 -7.36 -1.27 10.35
CA ALA A 41 -6.93 0.12 10.62
C ALA A 41 -6.96 0.94 9.32
N ILE A 42 -7.33 2.21 9.43
CA ILE A 42 -7.28 3.18 8.33
C ILE A 42 -6.63 4.43 8.89
N ASN A 43 -6.00 5.18 8.03
CA ASN A 43 -5.43 6.49 8.43
C ASN A 43 -6.47 7.58 8.16
N GLN A 44 -6.15 8.79 8.56
CA GLN A 44 -7.00 9.98 8.37
CA GLN A 44 -7.03 9.97 8.39
C GLN A 44 -7.29 10.19 6.88
N ALA A 45 -6.26 10.03 6.03
CA ALA A 45 -6.36 10.33 4.58
C ALA A 45 -7.43 9.42 3.94
N PHE A 46 -7.63 8.23 4.50
CA PHE A 46 -8.60 7.27 3.93
C PHE A 46 -10.02 7.78 4.19
N THR A 47 -10.26 8.35 5.37
CA THR A 47 -11.55 8.99 5.74
C THR A 47 -11.75 10.21 4.83
N ASP A 48 -10.70 10.99 4.58
CA ASP A 48 -10.83 12.23 3.78
C ASP A 48 -11.06 11.83 2.32
N LEU A 49 -10.49 10.71 1.84
CA LEU A 49 -10.66 10.31 0.41
C LEU A 49 -12.08 9.80 0.21
N THR A 50 -12.57 8.95 1.12
CA THR A 50 -13.74 8.10 0.87
C THR A 50 -14.97 8.60 1.64
N GLY A 51 -14.78 9.43 2.68
CA GLY A 51 -15.88 9.86 3.56
C GLY A 51 -16.26 8.87 4.66
N TYR A 52 -15.79 7.62 4.60
CA TYR A 52 -16.08 6.62 5.65
C TYR A 52 -15.21 6.86 6.88
N SER A 53 -15.80 6.72 8.08
CA SER A 53 -15.07 6.86 9.34
C SER A 53 -14.35 5.55 9.63
N GLU A 54 -13.46 5.58 10.63
CA GLU A 54 -12.76 4.33 11.03
CA GLU A 54 -12.75 4.37 11.12
C GLU A 54 -13.78 3.29 11.49
N GLU A 55 -14.78 3.69 12.27
CA GLU A 55 -15.80 2.76 12.78
C GLU A 55 -16.51 2.08 11.61
N GLU A 56 -16.70 2.78 10.50
CA GLU A 56 -17.48 2.27 9.34
C GLU A 56 -16.67 1.28 8.52
N CYS A 57 -15.33 1.33 8.63
CA CYS A 57 -14.42 0.56 7.74
C CYS A 57 -13.96 -0.70 8.43
N VAL A 58 -13.51 -0.54 9.67
CA VAL A 58 -12.77 -1.64 10.35
C VAL A 58 -13.71 -2.83 10.49
N GLY A 59 -13.22 -4.02 10.19
CA GLY A 59 -14.00 -5.27 10.27
C GLY A 59 -14.65 -5.64 8.96
N ARG A 60 -14.55 -4.80 7.94
CA ARG A 60 -15.10 -5.05 6.59
C ARG A 60 -14.00 -5.23 5.54
N ASN A 61 -14.23 -6.09 4.57
CA ASN A 61 -13.32 -6.20 3.41
C ASN A 61 -13.41 -4.90 2.60
N CYS A 62 -12.29 -4.39 2.11
N CYS A 62 -12.26 -4.41 2.11
CA CYS A 62 -12.22 -3.07 1.41
CA CYS A 62 -12.12 -3.13 1.35
C CYS A 62 -13.04 -3.03 0.10
C CYS A 62 -13.16 -3.03 0.22
N ARG A 63 -13.60 -4.15 -0.36
CA ARG A 63 -14.41 -4.13 -1.60
C ARG A 63 -15.76 -3.42 -1.37
N PHE A 64 -16.05 -2.95 -0.15
CA PHE A 64 -17.24 -2.07 0.06
C PHE A 64 -17.07 -0.79 -0.79
N LEU A 65 -15.87 -0.47 -1.25
CA LEU A 65 -15.61 0.71 -2.13
C LEU A 65 -16.03 0.44 -3.57
N ALA A 66 -16.27 -0.82 -3.92
CA ALA A 66 -16.63 -1.26 -5.28
C ALA A 66 -18.11 -0.97 -5.54
N GLY A 67 -18.47 -0.83 -6.81
CA GLY A 67 -19.87 -0.60 -7.20
C GLY A 67 -20.04 -1.03 -8.65
N SER A 68 -21.09 -0.56 -9.32
N SER A 68 -21.06 -0.48 -9.28
CA SER A 68 -21.60 -1.17 -10.57
CA SER A 68 -21.39 -0.73 -10.70
C SER A 68 -20.48 -1.31 -11.63
C SER A 68 -20.25 -0.17 -11.55
N GLY A 69 -19.59 -0.31 -11.75
N GLY A 69 -19.62 -1.00 -12.38
CA GLY A 69 -18.62 -0.17 -12.86
CA GLY A 69 -18.50 -0.54 -13.22
C GLY A 69 -17.24 -0.75 -12.58
C GLY A 69 -17.14 -0.86 -12.64
N THR A 70 -17.03 -1.31 -11.38
CA THR A 70 -15.73 -1.81 -10.89
C THR A 70 -15.31 -2.96 -11.80
N GLU A 71 -14.03 -3.03 -12.15
CA GLU A 71 -13.53 -3.93 -13.22
C GLU A 71 -13.09 -5.23 -12.59
N PRO A 72 -13.80 -6.36 -12.79
CA PRO A 72 -13.42 -7.60 -12.14
C PRO A 72 -12.07 -8.13 -12.63
N TRP A 73 -11.64 -7.79 -13.84
CA TRP A 73 -10.34 -8.26 -14.39
C TRP A 73 -9.18 -7.56 -13.65
N LEU A 74 -9.45 -6.40 -13.06
CA LEU A 74 -8.45 -5.64 -12.27
C LEU A 74 -8.51 -6.09 -10.81
N THR A 75 -9.70 -6.23 -10.22
CA THR A 75 -9.81 -6.74 -8.83
C THR A 75 -9.28 -8.17 -8.75
N ASP A 76 -9.39 -8.95 -9.82
CA ASP A 76 -8.88 -10.34 -9.80
C ASP A 76 -7.35 -10.28 -9.62
N LYS A 77 -6.69 -9.25 -10.15
CA LYS A 77 -5.21 -9.12 -10.05
CA LYS A 77 -5.21 -9.12 -10.05
C LYS A 77 -4.86 -8.90 -8.58
N ILE A 78 -5.71 -8.16 -7.86
CA ILE A 78 -5.51 -7.97 -6.40
C ILE A 78 -5.69 -9.33 -5.73
N ARG A 79 -6.77 -10.01 -6.08
CA ARG A 79 -7.04 -11.33 -5.50
C ARG A 79 -5.81 -12.21 -5.69
N GLN A 80 -5.20 -12.15 -6.87
CA GLN A 80 -4.02 -13.01 -7.21
C GLN A 80 -2.83 -12.63 -6.32
N GLY A 81 -2.60 -11.34 -6.11
CA GLY A 81 -1.49 -10.81 -5.29
C GLY A 81 -1.65 -11.24 -3.87
N VAL A 82 -2.86 -11.24 -3.38
CA VAL A 82 -3.18 -11.65 -1.98
C VAL A 82 -2.89 -13.15 -1.85
N ARG A 83 -3.22 -13.95 -2.86
CA ARG A 83 -3.04 -15.44 -2.81
C ARG A 83 -1.55 -15.75 -2.97
N GLU A 84 -0.84 -15.05 -3.85
CA GLU A 84 0.62 -15.29 -4.13
C GLU A 84 1.57 -14.50 -3.22
CE1 OHI A 85 1.12 -15.88 1.89
ND1 OHI A 85 2.19 -15.39 1.25
NE2 OHI A 85 0.02 -15.23 1.58
CD2 OHI A 85 0.38 -14.25 0.74
CG OHI A 85 1.71 -14.33 0.52
CB OHI A 85 2.59 -13.50 -0.34
CA OHI A 85 1.79 -12.78 -1.45
N OHI A 85 1.02 -13.69 -2.29
C OHI A 85 2.73 -11.91 -2.27
O OHI A 85 3.92 -11.86 -1.98
O12 OHI A 85 1.13 -16.79 2.67
N LYS A 86 2.18 -11.17 -3.24
CA LYS A 86 2.96 -10.26 -4.06
C LYS A 86 2.20 -8.95 -4.22
N PRO A 87 2.90 -7.82 -4.39
CA PRO A 87 2.24 -6.52 -4.51
C PRO A 87 1.59 -6.34 -5.88
N VAL A 88 0.48 -5.61 -5.91
CA VAL A 88 -0.32 -5.32 -7.13
C VAL A 88 -0.77 -3.86 -7.04
N LEU A 89 -0.61 -3.11 -8.13
CA LEU A 89 -1.13 -1.74 -8.27
C LEU A 89 -2.09 -1.76 -9.47
N VAL A 90 -3.36 -1.47 -9.23
CA VAL A 90 -4.35 -1.37 -10.34
C VAL A 90 -5.13 -0.07 -10.16
N GLU A 91 -5.70 0.44 -11.23
CA GLU A 91 -6.55 1.65 -11.18
CA GLU A 91 -6.54 1.67 -11.18
C GLU A 91 -8.00 1.26 -11.45
N ILE A 92 -8.78 1.24 -10.39
CA ILE A 92 -10.18 0.70 -10.48
C ILE A 92 -11.20 1.80 -10.13
N LEU A 93 -12.42 1.60 -10.60
CA LEU A 93 -13.55 2.50 -10.31
C LEU A 93 -14.08 2.10 -8.93
N ASN A 94 -14.16 3.10 -8.05
CA ASN A 94 -14.63 2.93 -6.67
C ASN A 94 -15.66 3.98 -6.39
N TYR A 95 -16.28 3.91 -5.22
CA TYR A 95 -17.40 4.81 -4.85
C TYR A 95 -17.17 5.32 -3.43
N LYS A 96 -17.30 6.62 -3.23
CA LYS A 96 -17.24 7.22 -1.88
C LYS A 96 -18.54 6.94 -1.14
N LYS A 97 -18.55 7.23 0.14
CA LYS A 97 -19.72 6.99 1.00
CA LYS A 97 -19.73 6.98 0.99
C LYS A 97 -20.94 7.72 0.43
N ASP A 98 -20.73 8.90 -0.15
CA ASP A 98 -21.86 9.71 -0.71
C ASP A 98 -22.22 9.23 -2.13
N GLY A 99 -21.63 8.14 -2.63
CA GLY A 99 -21.95 7.56 -3.95
C GLY A 99 -21.18 8.21 -5.09
N THR A 100 -20.30 9.17 -4.82
CA THR A 100 -19.40 9.80 -5.83
C THR A 100 -18.47 8.71 -6.38
N PRO A 101 -18.49 8.46 -7.70
CA PRO A 101 -17.55 7.53 -8.30
C PRO A 101 -16.18 8.20 -8.35
N PHE A 102 -15.11 7.42 -8.20
CA PHE A 102 -13.75 7.93 -8.41
C PHE A 102 -12.82 6.80 -8.84
N ARG A 103 -11.86 7.17 -9.65
CA ARG A 103 -10.83 6.21 -10.12
CA ARG A 103 -10.81 6.24 -10.12
C ARG A 103 -9.78 6.16 -9.00
N ASN A 104 -9.54 4.94 -8.51
CA ASN A 104 -8.67 4.66 -7.35
C ASN A 104 -7.43 3.88 -7.84
N ALA A 105 -6.25 4.47 -7.72
CA ALA A 105 -4.97 3.77 -7.98
C ALA A 105 -4.63 3.04 -6.68
N VAL A 106 -5.01 1.79 -6.60
CA VAL A 106 -4.86 1.07 -5.31
CA VAL A 106 -4.96 0.95 -5.36
C VAL A 106 -3.68 0.10 -5.39
N LEU A 107 -2.80 0.20 -4.40
CA LEU A 107 -1.69 -0.75 -4.12
C LEU A 107 -2.11 -1.69 -3.01
N VAL A 108 -2.05 -2.99 -3.22
CA VAL A 108 -2.25 -3.95 -2.13
C VAL A 108 -0.93 -4.71 -2.05
N ALA A 109 -0.31 -4.77 -0.86
CA ALA A 109 1.02 -5.41 -0.72
C ALA A 109 1.10 -6.19 0.57
N PRO A 110 1.80 -7.35 0.54
CA PRO A 110 2.10 -8.09 1.76
C PRO A 110 3.00 -7.29 2.68
N ILE A 111 2.82 -7.46 3.98
CA ILE A 111 3.65 -6.77 5.00
C ILE A 111 3.63 -7.66 6.25
N TYR A 112 4.63 -7.51 7.12
CA TYR A 112 4.80 -8.39 8.29
CA TYR A 112 4.84 -8.37 8.30
C TYR A 112 4.71 -7.55 9.57
N ASP A 113 4.29 -8.22 10.64
CA ASP A 113 4.22 -7.59 11.98
C ASP A 113 5.66 -7.24 12.40
N ASP A 114 5.81 -6.55 13.53
CA ASP A 114 7.14 -6.05 13.96
C ASP A 114 8.02 -7.18 14.46
N ASP A 115 7.51 -8.40 14.60
CA ASP A 115 8.36 -9.59 14.85
C ASP A 115 8.70 -10.35 13.56
N ASP A 116 8.31 -9.86 12.39
CA ASP A 116 8.61 -10.55 11.10
C ASP A 116 7.99 -11.95 11.14
N GLU A 117 6.81 -12.12 11.75
CA GLU A 117 6.20 -13.46 11.97
C GLU A 117 4.97 -13.62 11.08
N LEU A 118 3.87 -12.96 11.40
CA LEU A 118 2.62 -13.15 10.63
C LEU A 118 2.47 -12.11 9.51
N LEU A 119 1.80 -12.54 8.44
CA LEU A 119 1.56 -11.78 7.20
CA LEU A 119 1.62 -11.71 7.24
C LEU A 119 0.29 -10.96 7.33
N TYR A 120 0.36 -9.68 6.95
CA TYR A 120 -0.79 -8.77 6.85
C TYR A 120 -0.73 -8.19 5.44
N PHE A 121 -1.74 -7.40 5.06
CA PHE A 121 -1.72 -6.63 3.80
C PHE A 121 -1.81 -5.14 4.15
N LEU A 122 -0.99 -4.36 3.47
CA LEU A 122 -1.21 -2.90 3.45
C LEU A 122 -1.86 -2.49 2.13
N GLY A 123 -2.68 -1.45 2.24
CA GLY A 123 -3.38 -0.88 1.09
C GLY A 123 -3.06 0.61 1.05
N SER A 124 -2.88 1.16 -0.15
N SER A 124 -2.76 1.13 -0.12
CA SER A 124 -2.54 2.58 -0.45
CA SER A 124 -2.60 2.60 -0.30
C SER A 124 -3.46 3.04 -1.61
C SER A 124 -3.37 2.97 -1.57
N GLN A 125 -4.29 4.08 -1.40
N GLN A 125 -4.17 4.03 -1.44
CA GLN A 125 -5.30 4.49 -2.39
CA GLN A 125 -5.21 4.43 -2.41
C GLN A 125 -5.03 5.93 -2.78
C GLN A 125 -4.99 5.90 -2.79
N VAL A 126 -4.95 6.20 -4.09
CA VAL A 126 -4.79 7.58 -4.58
C VAL A 126 -5.91 7.80 -5.58
N GLU A 127 -6.62 8.91 -5.41
CA GLU A 127 -7.63 9.35 -6.39
C GLU A 127 -6.92 9.79 -7.68
N VAL A 128 -7.35 9.25 -8.81
CA VAL A 128 -7.00 9.75 -10.17
C VAL A 128 -8.16 10.59 -10.70
N ASP A 129 -7.98 11.89 -10.90
CA ASP A 129 -9.10 12.81 -11.27
C ASP A 129 -9.65 12.47 -12.66
N ASP A 130 -10.95 12.68 -12.87
CA ASP A 130 -11.59 12.65 -14.22
C ASP A 130 -10.93 13.73 -15.07
N ASP A 131 -10.55 14.86 -14.45
CA ASP A 131 -9.74 15.95 -15.07
C ASP A 131 -8.51 15.34 -15.71
N GLN A 132 -7.58 14.87 -14.86
CA GLN A 132 -6.21 14.39 -15.20
C GLN A 132 -6.11 12.88 -14.98
N PRO A 133 -6.76 12.04 -15.81
CA PRO A 133 -6.76 10.58 -15.62
C PRO A 133 -5.48 9.80 -15.93
N ASN A 134 -4.42 10.51 -16.37
CA ASN A 134 -3.07 9.92 -16.64
C ASN A 134 -2.12 10.27 -15.52
N MET A 135 -2.63 10.86 -14.42
CA MET A 135 -1.89 11.17 -13.16
CA MET A 135 -1.77 11.22 -13.24
C MET A 135 -1.06 9.96 -12.72
N GLY A 136 -1.61 8.76 -12.93
CA GLY A 136 -0.89 7.50 -12.65
C GLY A 136 0.49 7.51 -13.31
N MET A 137 0.59 7.87 -14.59
CA MET A 137 1.89 7.85 -15.30
CA MET A 137 1.89 7.85 -15.30
C MET A 137 2.82 8.93 -14.72
N ALA A 138 2.29 10.09 -14.30
CA ALA A 138 3.12 11.16 -13.69
C ALA A 138 3.70 10.67 -12.35
N ARG A 139 2.94 9.87 -11.59
CA ARG A 139 3.46 9.33 -10.32
C ARG A 139 4.52 8.28 -10.66
N ARG A 140 4.34 7.48 -11.71
CA ARG A 140 5.36 6.48 -12.13
CA ARG A 140 5.37 6.47 -12.08
C ARG A 140 6.66 7.21 -12.48
N GLU A 141 6.56 8.30 -13.24
CA GLU A 141 7.75 9.03 -13.75
CA GLU A 141 7.76 9.00 -13.75
C GLU A 141 8.53 9.57 -12.55
N ARG A 142 7.81 10.20 -11.62
CA ARG A 142 8.44 10.73 -10.37
C ARG A 142 9.12 9.60 -9.59
N ALA A 143 8.41 8.52 -9.34
CA ALA A 143 8.93 7.35 -8.59
C ALA A 143 10.25 6.87 -9.22
N ALA A 144 10.27 6.66 -10.55
CA ALA A 144 11.45 6.12 -11.25
C ALA A 144 12.63 7.09 -11.03
N GLU A 145 12.40 8.41 -11.16
CA GLU A 145 13.48 9.42 -10.98
CA GLU A 145 13.48 9.42 -10.98
C GLU A 145 14.01 9.34 -9.55
N MET A 146 13.12 9.27 -8.55
CA MET A 146 13.57 9.21 -7.14
C MET A 146 14.44 7.96 -6.89
N LEU A 147 13.98 6.80 -7.34
CA LEU A 147 14.69 5.53 -7.07
C LEU A 147 16.06 5.53 -7.75
N LYS A 148 16.23 6.24 -8.87
CA LYS A 148 17.54 6.33 -9.57
CA LYS A 148 17.54 6.35 -9.58
C LYS A 148 18.56 7.09 -8.72
N THR A 149 18.13 7.86 -7.73
CA THR A 149 19.06 8.61 -6.85
C THR A 149 19.63 7.70 -5.74
N LEU A 150 19.12 6.47 -5.62
CA LEU A 150 19.50 5.57 -4.50
C LEU A 150 20.84 4.92 -4.86
N SER A 151 21.67 4.66 -3.87
CA SER A 151 22.90 3.84 -4.00
CA SER A 151 22.90 3.86 -4.08
C SER A 151 22.50 2.41 -4.35
N PRO A 152 23.41 1.57 -4.91
CA PRO A 152 23.05 0.21 -5.27
C PRO A 152 22.48 -0.64 -4.11
N ARG A 153 23.09 -0.61 -2.92
CA ARG A 153 22.58 -1.41 -1.77
C ARG A 153 21.19 -0.91 -1.41
N GLN A 154 21.00 0.41 -1.35
CA GLN A 154 19.66 0.99 -1.04
C GLN A 154 18.63 0.53 -2.07
N LEU A 155 18.98 0.54 -3.35
CA LEU A 155 18.06 0.07 -4.40
C LEU A 155 17.75 -1.41 -4.17
N GLU A 156 18.74 -2.26 -3.85
CA GLU A 156 18.57 -3.72 -3.66
C GLU A 156 17.63 -3.97 -2.46
N VAL A 157 17.85 -3.29 -1.36
CA VAL A 157 17.00 -3.45 -0.14
C VAL A 157 15.58 -2.98 -0.46
N THR A 158 15.46 -1.86 -1.18
CA THR A 158 14.13 -1.30 -1.53
C THR A 158 13.38 -2.33 -2.38
N THR A 159 14.03 -2.81 -3.41
CA THR A 159 13.41 -3.79 -4.35
C THR A 159 12.87 -4.98 -3.53
N LEU A 160 13.69 -5.61 -2.70
CA LEU A 160 13.32 -6.87 -1.99
C LEU A 160 12.25 -6.61 -0.94
N VAL A 161 12.31 -5.49 -0.22
CA VAL A 161 11.24 -5.11 0.74
C VAL A 161 9.93 -4.94 -0.02
N ALA A 162 9.96 -4.16 -1.11
CA ALA A 162 8.74 -3.88 -1.89
C ALA A 162 8.20 -5.17 -2.53
N SER A 163 9.05 -6.12 -2.86
CA SER A 163 8.62 -7.40 -3.47
C SER A 163 7.83 -8.24 -2.47
N GLY A 164 7.78 -7.83 -1.20
CA GLY A 164 7.02 -8.50 -0.14
C GLY A 164 7.88 -9.34 0.80
N LEU A 165 9.22 -9.23 0.80
CA LEU A 165 10.08 -9.99 1.74
C LEU A 165 10.15 -9.26 3.07
N ARG A 166 10.06 -10.03 4.14
CA ARG A 166 10.34 -9.47 5.48
C ARG A 166 11.85 -9.21 5.65
N ASN A 167 12.22 -8.44 6.67
CA ASN A 167 13.62 -7.93 6.82
C ASN A 167 14.56 -9.13 6.97
N LYS A 168 14.14 -10.12 7.74
CA LYS A 168 14.89 -11.37 8.00
C LYS A 168 15.14 -12.11 6.68
N GLU A 169 14.21 -12.02 5.72
CA GLU A 169 14.36 -12.63 4.36
C GLU A 169 15.30 -11.76 3.51
N VAL A 170 15.12 -10.46 3.57
CA VAL A 170 16.06 -9.55 2.85
C VAL A 170 17.48 -9.86 3.38
N ALA A 171 17.63 -9.96 4.72
CA ALA A 171 18.94 -10.21 5.37
C ALA A 171 19.54 -11.52 4.83
N ALA A 172 18.78 -12.60 4.79
CA ALA A 172 19.22 -13.90 4.23
C ALA A 172 19.62 -13.75 2.75
N ARG A 173 18.86 -12.99 1.96
CA ARG A 173 19.13 -12.83 0.50
C ARG A 173 20.44 -12.06 0.28
N LEU A 174 20.74 -11.04 1.07
CA LEU A 174 21.91 -10.18 0.81
C LEU A 174 23.10 -10.50 1.72
N GLY A 175 23.05 -11.51 2.59
CA GLY A 175 24.09 -11.83 3.60
C GLY A 175 24.32 -10.72 4.64
N LEU A 176 23.26 -10.07 5.13
CA LEU A 176 23.33 -8.97 6.13
C LEU A 176 22.60 -9.41 7.40
N SER A 177 22.73 -8.62 8.45
CA SER A 177 21.89 -8.70 9.67
C SER A 177 20.57 -7.97 9.38
N GLU A 178 19.52 -8.37 10.09
CA GLU A 178 18.24 -7.62 10.14
C GLU A 178 18.51 -6.16 10.47
N LYS A 179 19.39 -5.92 11.46
CA LYS A 179 19.70 -4.55 11.94
C LYS A 179 20.25 -3.74 10.75
N THR A 180 21.14 -4.32 9.97
CA THR A 180 21.78 -3.59 8.83
C THR A 180 20.69 -3.27 7.80
N VAL A 181 19.79 -4.21 7.53
CA VAL A 181 18.68 -4.01 6.56
C VAL A 181 17.80 -2.86 7.04
N LYS A 182 17.44 -2.86 8.32
CA LYS A 182 16.58 -1.80 8.90
CA LYS A 182 16.59 -1.80 8.92
C LYS A 182 17.31 -0.46 8.75
N MET A 183 18.64 -0.46 8.95
CA MET A 183 19.44 0.80 8.78
C MET A 183 19.34 1.29 7.33
N HIS A 184 19.56 0.41 6.36
CA HIS A 184 19.48 0.83 4.92
C HIS A 184 18.06 1.35 4.61
N ARG A 185 17.03 0.64 5.07
CA ARG A 185 15.63 1.05 4.87
C ARG A 185 15.45 2.47 5.39
N GLY A 186 15.88 2.74 6.62
CA GLY A 186 15.69 4.07 7.23
C GLY A 186 16.38 5.15 6.42
N LEU A 187 17.56 4.86 5.88
CA LEU A 187 18.29 5.87 5.06
C LEU A 187 17.52 6.13 3.76
N VAL A 188 16.87 5.12 3.18
CA VAL A 188 16.08 5.33 1.94
C VAL A 188 14.91 6.27 2.28
N MET A 189 14.24 6.02 3.41
CA MET A 189 13.05 6.79 3.87
CA MET A 189 13.04 6.82 3.76
C MET A 189 13.45 8.26 4.09
N GLU A 190 14.57 8.47 4.75
CA GLU A 190 15.10 9.84 5.02
C GLU A 190 15.44 10.48 3.67
N LYS A 191 16.14 9.77 2.80
CA LYS A 191 16.62 10.42 1.54
C LYS A 191 15.42 10.81 0.66
N LEU A 192 14.41 9.95 0.51
CA LEU A 192 13.29 10.21 -0.41
C LEU A 192 12.11 10.89 0.29
N ASN A 193 12.25 11.34 1.55
CA ASN A 193 11.20 12.03 2.32
C ASN A 193 9.95 11.15 2.41
N LEU A 194 10.10 9.86 2.66
CA LEU A 194 8.98 8.91 2.73
C LEU A 194 8.60 8.78 4.19
N LYS A 195 7.31 8.91 4.53
CA LYS A 195 6.85 8.95 5.93
C LYS A 195 6.75 7.54 6.49
N THR A 196 6.27 6.59 5.69
CA THR A 196 5.98 5.21 6.17
C THR A 196 6.42 4.14 5.18
N SER A 197 6.38 2.87 5.57
CA SER A 197 6.75 1.72 4.71
C SER A 197 5.75 1.61 3.56
N ALA A 198 4.50 2.05 3.77
CA ALA A 198 3.50 1.98 2.71
C ALA A 198 3.98 2.88 1.57
N ASP A 199 4.52 4.05 1.93
CA ASP A 199 4.97 5.09 0.95
C ASP A 199 6.18 4.59 0.17
N LEU A 200 7.05 3.79 0.81
CA LEU A 200 8.22 3.16 0.17
C LEU A 200 7.78 2.08 -0.80
N VAL A 201 6.89 1.21 -0.38
CA VAL A 201 6.41 0.12 -1.29
C VAL A 201 5.74 0.78 -2.48
N ARG A 202 4.96 1.84 -2.23
CA ARG A 202 4.20 2.46 -3.35
C ARG A 202 5.16 3.02 -4.42
N ILE A 203 6.21 3.75 -4.07
CA ILE A 203 7.07 4.29 -5.16
CA ILE A 203 7.19 4.30 -5.06
C ILE A 203 7.79 3.14 -5.88
N ALA A 204 8.13 2.06 -5.18
CA ALA A 204 8.78 0.90 -5.83
C ALA A 204 7.82 0.29 -6.85
N VAL A 205 6.57 0.07 -6.51
CA VAL A 205 5.62 -0.58 -7.44
C VAL A 205 5.23 0.39 -8.55
N GLU A 206 5.02 1.67 -8.24
CA GLU A 206 4.76 2.72 -9.28
C GLU A 206 5.83 2.70 -10.37
N ALA A 207 7.09 2.64 -9.99
CA ALA A 207 8.26 2.66 -10.91
C ALA A 207 8.36 1.34 -11.67
N GLY A 208 7.84 0.25 -11.12
CA GLY A 208 8.00 -1.06 -11.76
C GLY A 208 9.25 -1.77 -11.27
N ILE A 209 9.85 -1.38 -10.15
CA ILE A 209 10.98 -2.18 -9.57
C ILE A 209 10.44 -3.32 -8.71
N ALA A 210 9.16 -3.36 -8.40
CA ALA A 210 8.48 -4.50 -7.76
C ALA A 210 7.05 -4.55 -8.30
N1 FMN B . -10.66 -2.93 -3.19
N1 FMN B . -10.37 -3.02 -3.40
C2 FMN B . -11.28 -1.77 -3.50
C2 FMN B . -10.93 -1.89 -3.85
O2 FMN B . -12.22 -1.77 -4.29
O2 FMN B . -11.72 -1.93 -4.80
N3 FMN B . -10.75 -0.55 -3.13
N3 FMN B . -10.65 -0.67 -3.32
C4 FMN B . -9.67 -0.44 -2.29
C4 FMN B . -9.77 -0.50 -2.28
O4 FMN B . -9.25 0.69 -1.98
O4 FMN B . -9.56 0.63 -1.86
C4A FMN B . -9.09 -1.65 -1.82
C4A FMN B . -9.40 -1.67 -1.56
N5 FMN B . -8.08 -1.63 -0.95
N5 FMN B . -8.28 -1.65 -0.73
C5A FMN B . -7.65 -2.84 -0.42
C5A FMN B . -7.73 -2.90 -0.27
C6 FMN B . -6.66 -2.84 0.57
C6 FMN B . -6.80 -2.88 0.79
C7 FMN B . -6.22 -4.01 1.15
C7 FMN B . -6.23 -4.04 1.26
C7M FMN B . -5.21 -3.97 2.27
C7M FMN B . -5.26 -4.01 2.41
C8 FMN B . -6.73 -5.25 0.69
C8 FMN B . -6.57 -5.27 0.66
C8M FMN B . -6.25 -6.55 1.28
C8M FMN B . -5.96 -6.56 1.16
C9 FMN B . -7.60 -5.28 -0.36
C9 FMN B . -7.46 -5.30 -0.39
C9A FMN B . -8.12 -4.09 -0.92
C9A FMN B . -8.05 -4.12 -0.87
N10 FMN B . -9.13 -4.07 -1.88
N10 FMN B . -8.97 -4.13 -1.92
C10 FMN B . -9.67 -2.88 -2.32
C10 FMN B . -9.52 -2.95 -2.40
C1' FMN B . -9.56 -5.30 -2.57
C1' FMN B . -9.30 -5.38 -2.61
C2' FMN B . -10.57 -6.20 -1.98
C2' FMN B . -10.52 -6.08 -2.09
O2' FMN B . -10.42 -6.30 -0.62
O2' FMN B . -10.51 -6.15 -0.69
C3' FMN B . -10.37 -7.56 -2.67
C3' FMN B . -10.56 -7.49 -2.70
O3' FMN B . -9.08 -8.08 -2.39
O3' FMN B . -9.37 -8.19 -2.36
C4' FMN B . -10.41 -7.55 -4.20
C4' FMN B . -10.66 -7.46 -4.23
O4' FMN B . -11.58 -6.89 -4.71
O4' FMN B . -11.99 -7.15 -4.64
C5' FMN B . -10.38 -8.96 -4.76
C5' FMN B . -10.25 -8.77 -4.86
O5' FMN B . -11.17 -9.85 -3.93
O5' FMN B . -10.88 -9.85 -4.11
P FMN B . -12.64 -10.26 -4.44
P FMN B . -12.37 -10.28 -4.49
O1P FMN B . -12.56 -10.96 -5.78
O1P FMN B . -12.44 -10.59 -5.96
O2P FMN B . -13.40 -8.86 -4.55
O2P FMN B . -12.66 -11.49 -3.62
O3P FMN B . -13.23 -11.16 -3.35
O3P FMN B . -13.23 -9.05 -4.12
CL CL C . 25.58 -6.82 8.17
CL CL D . -9.18 -10.01 0.15
MG MG E . -7.01 8.21 13.06
MG MG F . 4.54 -10.31 17.98
MG MG G . -16.11 -9.74 -7.12
O1 MES H . -3.04 -5.26 15.67
C2 MES H . -2.35 -5.90 14.60
C3 MES H . -2.59 -7.38 14.56
N4 MES H . -3.09 -7.87 15.88
C5 MES H . -4.34 -7.16 16.29
C6 MES H . -4.36 -5.75 15.75
C7 MES H . -3.26 -9.35 15.94
C8 MES H . -3.93 -9.69 17.24
S MES H . -3.46 -11.25 17.92
O1S MES H . -2.62 -11.90 16.94
O2S MES H . -2.77 -10.97 19.16
O3S MES H . -4.71 -11.92 18.11
#